data_4F41
#
_entry.id   4F41
#
_cell.length_a   117.322
_cell.length_b   119.690
_cell.length_c   58.724
_cell.angle_alpha   90.00
_cell.angle_beta   112.10
_cell.angle_gamma   90.00
#
_symmetry.space_group_name_H-M   'C 1 2 1'
#
loop_
_entity.id
_entity.type
_entity.pdbx_description
1 polymer Protelomerase
2 polymer 'DNA hairpin'
3 water water
#
loop_
_entity_poly.entity_id
_entity_poly.type
_entity_poly.pdbx_seq_one_letter_code
_entity_poly.pdbx_strand_id
1 'polypeptide(L)'
;DYPKTGVATSIVEKIERAEFNTAGRKPTVLLRIADFIAAMNGMDAKQDMQALWDAEIAIMNGRAQTTIISYITKYRNAIR
EAFGDDHPMLKIATGDAAMYDEARRVKMEKIANKHGALITFENYRQVLKICEDCLKSSDPLMIGIGLIGMTGRAPYEVFT
QAEFSPAPYGKGVSKWSILFNGQAKTKQGEGTKFGITYEIPVLTRSETVLAAYKRLRESGQGKLWHGMSIDDFSSETRLL
LRDTVFNLFEDVWPKEELPKPYGLRHLYAEVAYHNFAPPHVTKNSYFAAILGHNNNDLETSLSYMTYTLPEDRDNALARL
;
A
2 'polydeoxyribonucleotide'
;(DC)(DA)(DT)(DA)(DA)(DT)(DA)(DA)(DC)(DA)(DA)(DT)(DA)(DT)(DC)(DT)(DT)(DG)(DA)(DT)
(DA)(DT)(DT)(DG)(DT)(DT)(DA)(DT)(DT)(DA)(DT)(DG)
;
C
#
# COMPACT_ATOMS: atom_id res chain seq x y z
N TYR A 2 -0.27 25.80 20.44
CA TYR A 2 1.00 25.53 21.08
C TYR A 2 0.80 25.06 22.53
N PRO A 3 0.37 23.81 22.71
CA PRO A 3 0.28 23.25 24.06
C PRO A 3 1.65 22.76 24.53
N LYS A 4 1.80 22.68 25.84
CA LYS A 4 3.04 22.20 26.44
C LYS A 4 2.81 20.79 26.94
N THR A 5 1.56 20.35 26.89
CA THR A 5 1.16 19.07 27.45
C THR A 5 0.54 18.18 26.38
N GLY A 6 0.64 16.87 26.58
CA GLY A 6 0.07 15.91 25.65
C GLY A 6 0.74 14.56 25.72
N VAL A 7 0.01 13.52 25.31
CA VAL A 7 0.52 12.16 25.32
C VAL A 7 0.17 11.40 24.04
N ALA A 8 1.16 10.77 23.44
CA ALA A 8 0.94 9.93 22.26
C ALA A 8 0.26 8.63 22.69
N THR A 9 -1.07 8.65 22.65
CA THR A 9 -1.88 7.55 23.18
C THR A 9 -1.58 6.20 22.53
N SER A 10 -1.60 6.16 21.20
CA SER A 10 -1.43 4.92 20.45
C SER A 10 -0.11 4.22 20.77
N ILE A 11 0.96 4.99 20.86
CA ILE A 11 2.29 4.45 21.16
C ILE A 11 2.31 3.79 22.54
N VAL A 12 1.81 4.50 23.54
CA VAL A 12 1.76 3.99 24.91
C VAL A 12 0.87 2.75 24.98
N GLU A 13 -0.19 2.73 24.18
CA GLU A 13 -1.08 1.57 24.12
C GLU A 13 -0.35 0.37 23.54
N LYS A 14 0.46 0.61 22.50
CA LYS A 14 1.26 -0.46 21.91
C LYS A 14 2.37 -0.91 22.84
N ILE A 15 2.74 -0.04 23.77
CA ILE A 15 3.76 -0.37 24.77
C ILE A 15 3.17 -1.27 25.86
N GLU A 16 2.03 -0.85 26.41
CA GLU A 16 1.38 -1.57 27.50
C GLU A 16 0.83 -2.92 27.03
N ARG A 17 0.56 -3.03 25.74
CA ARG A 17 0.10 -4.30 25.16
C ARG A 17 1.27 -5.19 24.77
N ALA A 18 2.48 -4.80 25.18
CA ALA A 18 3.68 -5.53 24.82
C ALA A 18 4.38 -6.13 26.04
N GLU A 19 4.01 -5.66 27.23
CA GLU A 19 4.65 -6.13 28.45
C GLU A 19 4.34 -7.59 28.77
N PHE A 20 3.09 -7.99 28.56
CA PHE A 20 2.73 -9.39 28.74
C PHE A 20 2.66 -10.17 27.43
N ASN A 21 3.72 -10.06 26.63
CA ASN A 21 3.86 -10.87 25.43
C ASN A 21 4.55 -12.18 25.76
N THR A 22 4.20 -13.23 25.03
CA THR A 22 4.83 -14.54 25.22
C THR A 22 6.24 -14.53 24.64
N ALA A 23 6.40 -13.90 23.49
CA ALA A 23 7.69 -13.82 22.82
C ALA A 23 7.78 -12.56 21.97
N GLY A 24 8.91 -12.38 21.31
CA GLY A 24 9.08 -11.26 20.39
C GLY A 24 10.00 -10.17 20.88
N ARG A 25 10.42 -9.30 19.95
CA ARG A 25 11.29 -8.17 20.27
C ARG A 25 10.70 -7.22 21.30
N LYS A 26 11.57 -6.46 21.94
CA LYS A 26 11.14 -5.40 22.85
C LYS A 26 10.85 -4.14 22.04
N PRO A 27 9.71 -3.50 22.31
CA PRO A 27 9.31 -2.29 21.57
C PRO A 27 10.24 -1.09 21.85
N THR A 28 11.52 -1.23 21.50
CA THR A 28 12.53 -0.23 21.86
C THR A 28 12.31 1.12 21.17
N VAL A 29 11.89 1.09 19.92
CA VAL A 29 11.64 2.32 19.16
C VAL A 29 10.45 3.08 19.75
N LEU A 30 9.37 2.36 20.05
CA LEU A 30 8.20 2.99 20.64
C LEU A 30 8.51 3.52 22.05
N LEU A 31 9.48 2.89 22.70
CA LEU A 31 9.97 3.37 23.99
C LEU A 31 10.73 4.68 23.79
N ARG A 32 11.55 4.72 22.75
CA ARG A 32 12.32 5.90 22.38
C ARG A 32 11.36 7.07 22.17
N ILE A 33 10.32 6.81 21.37
CA ILE A 33 9.30 7.81 21.07
C ILE A 33 8.51 8.25 22.30
N ALA A 34 8.17 7.28 23.15
CA ALA A 34 7.42 7.56 24.37
C ALA A 34 8.20 8.48 25.31
N ASP A 35 9.47 8.13 25.53
CA ASP A 35 10.35 8.93 26.38
C ASP A 35 10.60 10.29 25.75
N PHE A 36 10.59 10.32 24.42
CA PHE A 36 10.73 11.57 23.68
C PHE A 36 9.57 12.52 23.97
N ILE A 37 8.36 12.06 23.69
CA ILE A 37 7.14 12.84 23.95
C ILE A 37 7.03 13.22 25.42
N ALA A 38 7.46 12.32 26.30
CA ALA A 38 7.45 12.59 27.72
C ALA A 38 8.41 13.73 28.07
N ALA A 39 9.58 13.70 27.47
CA ALA A 39 10.59 14.74 27.70
C ALA A 39 10.14 16.07 27.10
N MET A 40 9.29 16.01 26.08
CA MET A 40 8.78 17.22 25.45
C MET A 40 7.77 17.96 26.32
N ASN A 41 7.21 17.28 27.31
CA ASN A 41 6.20 17.88 28.18
C ASN A 41 6.76 19.02 29.04
N GLY A 42 6.25 20.22 28.81
CA GLY A 42 6.66 21.39 29.57
C GLY A 42 7.76 22.18 28.90
N MET A 43 8.27 21.66 27.78
CA MET A 43 9.34 22.31 27.05
C MET A 43 8.88 23.54 26.27
N ASP A 44 9.59 24.65 26.46
CA ASP A 44 9.38 25.85 25.67
C ASP A 44 10.73 26.37 25.18
N ALA A 45 11.79 25.70 25.61
CA ALA A 45 13.14 26.04 25.19
C ALA A 45 13.47 25.39 23.85
N LYS A 46 13.36 26.17 22.78
CA LYS A 46 13.57 25.68 21.42
C LYS A 46 14.93 25.04 21.23
N GLN A 47 15.93 25.60 21.89
CA GLN A 47 17.29 25.07 21.85
C GLN A 47 17.35 23.67 22.46
N ASP A 48 16.66 23.48 23.58
CA ASP A 48 16.61 22.19 24.24
C ASP A 48 15.81 21.17 23.42
N MET A 49 14.81 21.66 22.70
CA MET A 49 14.06 20.83 21.76
C MET A 49 15.00 20.32 20.68
N GLN A 50 15.81 21.24 20.15
CA GLN A 50 16.81 20.91 19.15
C GLN A 50 17.82 19.90 19.70
N ALA A 51 18.16 20.04 20.98
CA ALA A 51 19.10 19.11 21.61
C ALA A 51 18.49 17.72 21.73
N LEU A 52 17.22 17.68 22.11
CA LEU A 52 16.48 16.43 22.25
C LEU A 52 16.43 15.71 20.91
N TRP A 53 16.06 16.43 19.86
CA TRP A 53 15.99 15.84 18.53
C TRP A 53 17.37 15.46 18.02
N ASP A 54 18.39 16.17 18.47
CA ASP A 54 19.75 15.83 18.07
C ASP A 54 20.18 14.53 18.74
N ALA A 55 19.69 14.31 19.96
CA ALA A 55 19.92 13.07 20.67
C ALA A 55 19.24 11.93 19.93
N GLU A 56 17.94 12.11 19.66
CA GLU A 56 17.15 11.12 18.93
C GLU A 56 17.73 10.76 17.57
N ILE A 57 18.25 11.76 16.86
CA ILE A 57 18.86 11.55 15.56
C ILE A 57 20.18 10.81 15.74
N ALA A 58 20.92 11.19 16.79
CA ALA A 58 22.18 10.55 17.12
C ALA A 58 21.98 9.06 17.39
N ILE A 59 20.81 8.72 17.90
CA ILE A 59 20.47 7.32 18.14
C ILE A 59 20.40 6.53 16.82
N MET A 60 19.71 7.08 15.85
CA MET A 60 19.62 6.45 14.53
C MET A 60 20.93 6.64 13.79
N ASN A 61 21.83 5.66 13.91
CA ASN A 61 23.11 5.73 13.24
C ASN A 61 23.60 4.33 12.84
N GLY A 62 23.76 4.11 11.55
CA GLY A 62 24.06 2.80 11.03
C GLY A 62 22.81 2.20 10.43
N ARG A 63 21.68 2.85 10.68
CA ARG A 63 20.41 2.44 10.12
C ARG A 63 20.24 2.99 8.71
N ALA A 64 19.50 2.27 7.87
CA ALA A 64 19.27 2.68 6.50
C ALA A 64 18.56 4.03 6.45
N GLN A 65 18.81 4.78 5.37
CA GLN A 65 18.21 6.09 5.20
C GLN A 65 16.68 6.00 5.17
N THR A 66 16.17 5.01 4.44
CA THR A 66 14.74 4.76 4.37
C THR A 66 14.16 4.49 5.75
N THR A 67 14.87 3.67 6.52
CA THR A 67 14.47 3.34 7.89
C THR A 67 14.42 4.59 8.75
N ILE A 68 15.45 5.42 8.65
CA ILE A 68 15.51 6.67 9.41
C ILE A 68 14.34 7.58 9.05
N ILE A 69 14.03 7.65 7.75
CA ILE A 69 12.91 8.46 7.27
C ILE A 69 11.59 7.96 7.87
N SER A 70 11.38 6.64 7.83
CA SER A 70 10.17 6.04 8.39
C SER A 70 10.05 6.34 9.90
N TYR A 71 11.16 6.17 10.61
CA TYR A 71 11.19 6.45 12.04
C TYR A 71 10.82 7.91 12.31
N ILE A 72 11.39 8.81 11.52
CA ILE A 72 11.07 10.23 11.60
C ILE A 72 9.58 10.47 11.39
N THR A 73 9.00 9.75 10.43
CA THR A 73 7.56 9.83 10.20
C THR A 73 6.79 9.43 11.46
N LYS A 74 7.22 8.33 12.08
CA LYS A 74 6.61 7.88 13.33
C LYS A 74 6.68 8.95 14.41
N TYR A 75 7.86 9.53 14.61
CA TYR A 75 8.08 10.59 15.59
C TYR A 75 7.15 11.78 15.35
N ARG A 76 7.11 12.24 14.09
CA ARG A 76 6.29 13.40 13.73
C ARG A 76 4.80 13.13 13.97
N ASN A 77 4.35 11.92 13.60
CA ASN A 77 2.97 11.55 13.84
C ASN A 77 2.65 11.48 15.33
N ALA A 78 3.64 11.04 16.12
CA ALA A 78 3.47 10.99 17.57
C ALA A 78 3.35 12.41 18.16
N ILE A 79 4.20 13.31 17.67
CA ILE A 79 4.17 14.70 18.12
C ILE A 79 2.84 15.34 17.75
N ARG A 80 2.36 15.05 16.56
CA ARG A 80 1.06 15.55 16.11
C ARG A 80 -0.07 14.98 16.97
N GLU A 81 0.06 13.72 17.36
CA GLU A 81 -0.97 13.07 18.18
C GLU A 81 -1.01 13.66 19.59
N ALA A 82 0.16 13.95 20.14
CA ALA A 82 0.27 14.41 21.52
C ALA A 82 -0.02 15.91 21.66
N PHE A 83 0.67 16.73 20.86
CA PHE A 83 0.61 18.18 21.04
C PHE A 83 -0.24 18.88 19.99
N GLY A 84 -0.20 18.39 18.76
CA GLY A 84 -0.99 18.97 17.69
C GLY A 84 -0.16 19.41 16.50
N ASP A 85 -0.82 20.01 15.51
CA ASP A 85 -0.16 20.41 14.27
C ASP A 85 0.54 21.76 14.41
N ASP A 86 0.20 22.51 15.45
CA ASP A 86 0.73 23.86 15.63
C ASP A 86 1.89 23.90 16.63
N HIS A 87 2.64 22.80 16.70
CA HIS A 87 3.77 22.72 17.63
C HIS A 87 5.09 22.95 16.90
N PRO A 88 5.96 23.81 17.46
CA PRO A 88 7.25 24.20 16.88
C PRO A 88 8.18 23.02 16.61
N MET A 89 8.04 21.95 17.39
CA MET A 89 8.89 20.77 17.26
C MET A 89 8.76 20.13 15.89
N LEU A 90 7.60 20.29 15.27
CA LEU A 90 7.33 19.76 13.94
C LEU A 90 8.26 20.41 12.89
N LYS A 91 8.76 21.60 13.20
CA LYS A 91 9.70 22.28 12.33
C LYS A 91 11.15 21.96 12.71
N ILE A 92 11.31 21.21 13.79
CA ILE A 92 12.64 20.80 14.25
C ILE A 92 12.86 19.31 14.03
N ALA A 93 11.85 18.51 14.38
CA ALA A 93 11.93 17.06 14.27
C ALA A 93 11.68 16.58 12.85
N THR A 94 12.59 16.91 11.94
CA THR A 94 12.50 16.45 10.56
C THR A 94 13.89 16.19 10.00
N GLY A 95 13.96 15.37 8.96
CA GLY A 95 15.23 15.03 8.35
C GLY A 95 15.78 16.17 7.51
N ASP A 96 17.10 16.19 7.35
CA ASP A 96 17.74 17.21 6.52
C ASP A 96 17.41 16.98 5.06
N ALA A 97 17.37 18.06 4.28
CA ALA A 97 16.91 18.01 2.90
C ALA A 97 17.71 17.07 2.00
N ALA A 98 19.00 16.92 2.31
CA ALA A 98 19.87 16.06 1.52
C ALA A 98 19.42 14.61 1.56
N MET A 99 18.87 14.19 2.69
CA MET A 99 18.39 12.83 2.87
C MET A 99 17.19 12.56 1.96
N TYR A 100 16.24 13.48 1.97
CA TYR A 100 15.04 13.36 1.14
C TYR A 100 15.37 13.45 -0.34
N ASP A 101 16.26 14.37 -0.71
CA ASP A 101 16.67 14.53 -2.09
C ASP A 101 17.38 13.27 -2.59
N GLU A 102 18.24 12.71 -1.75
CA GLU A 102 18.94 11.48 -2.07
C GLU A 102 17.96 10.33 -2.25
N ALA A 103 16.98 10.25 -1.34
CA ALA A 103 15.96 9.21 -1.42
C ALA A 103 15.17 9.31 -2.73
N ARG A 104 14.80 10.53 -3.09
CA ARG A 104 14.08 10.78 -4.34
C ARG A 104 14.93 10.36 -5.54
N ARG A 105 16.22 10.71 -5.49
CA ARG A 105 17.16 10.35 -6.54
C ARG A 105 17.24 8.84 -6.72
N VAL A 106 17.33 8.13 -5.60
CA VAL A 106 17.38 6.67 -5.60
C VAL A 106 16.10 6.08 -6.19
N LYS A 107 14.96 6.62 -5.77
CA LYS A 107 13.66 6.16 -6.27
C LYS A 107 13.59 6.31 -7.79
N MET A 108 13.87 7.51 -8.27
CA MET A 108 13.86 7.81 -9.70
C MET A 108 14.82 6.91 -10.48
N GLU A 109 16.00 6.68 -9.89
CA GLU A 109 16.99 5.80 -10.49
C GLU A 109 16.46 4.38 -10.65
N LYS A 110 15.86 3.87 -9.59
CA LYS A 110 15.29 2.53 -9.60
C LYS A 110 14.18 2.39 -10.63
N ILE A 111 13.26 3.36 -10.65
CA ILE A 111 12.17 3.34 -11.62
C ILE A 111 12.69 3.39 -13.05
N ALA A 112 13.69 4.23 -13.28
CA ALA A 112 14.33 4.33 -14.59
C ALA A 112 14.93 3.00 -15.00
N ASN A 113 15.65 2.37 -14.09
CA ASN A 113 16.23 1.05 -14.36
C ASN A 113 15.17 0.01 -14.68
N LYS A 114 14.04 0.08 -13.97
CA LYS A 114 12.94 -0.85 -14.21
C LYS A 114 12.34 -0.64 -15.60
N HIS A 115 12.18 0.61 -16.00
CA HIS A 115 11.67 0.92 -17.33
C HIS A 115 12.66 0.53 -18.41
N GLY A 116 13.94 0.51 -18.05
CA GLY A 116 14.99 0.13 -19.00
C GLY A 116 15.13 -1.36 -19.15
N ALA A 117 14.58 -2.11 -18.20
CA ALA A 117 14.68 -3.57 -18.22
C ALA A 117 13.39 -4.22 -17.69
N LEU A 118 12.37 -4.24 -18.54
CA LEU A 118 11.08 -4.82 -18.16
C LEU A 118 11.17 -6.33 -17.95
N ILE A 119 10.33 -6.84 -17.05
CA ILE A 119 10.30 -8.27 -16.76
C ILE A 119 9.13 -8.94 -17.50
N THR A 120 9.45 -9.90 -18.36
CA THR A 120 8.42 -10.58 -19.13
C THR A 120 7.64 -11.55 -18.25
N PHE A 121 6.36 -11.26 -18.01
CA PHE A 121 5.52 -12.13 -17.19
C PHE A 121 4.98 -13.26 -18.06
N GLU A 122 5.81 -14.27 -18.27
CA GLU A 122 5.49 -15.38 -19.16
C GLU A 122 4.19 -16.09 -18.79
N ASN A 123 4.07 -16.45 -17.52
CA ASN A 123 2.93 -17.22 -17.05
C ASN A 123 1.90 -16.38 -16.31
N TYR A 124 1.54 -15.24 -16.90
CA TYR A 124 0.60 -14.33 -16.25
C TYR A 124 -0.82 -14.87 -16.32
N ARG A 125 -1.13 -15.61 -17.37
CA ARG A 125 -2.44 -16.22 -17.53
C ARG A 125 -2.70 -17.25 -16.44
N GLN A 126 -1.66 -17.98 -16.08
CA GLN A 126 -1.75 -18.98 -15.02
C GLN A 126 -1.91 -18.29 -13.66
N VAL A 127 -1.28 -17.15 -13.50
CA VAL A 127 -1.41 -16.37 -12.28
C VAL A 127 -2.84 -15.83 -12.13
N LEU A 128 -3.37 -15.28 -13.21
CA LEU A 128 -4.75 -14.80 -13.22
C LEU A 128 -5.74 -15.94 -13.02
N LYS A 129 -5.36 -17.12 -13.50
CA LYS A 129 -6.19 -18.31 -13.34
C LYS A 129 -6.24 -18.76 -11.88
N ILE A 130 -5.08 -18.88 -11.26
CA ILE A 130 -4.98 -19.23 -9.85
C ILE A 130 -5.75 -18.22 -9.02
N CYS A 131 -5.52 -16.94 -9.31
CA CYS A 131 -6.19 -15.85 -8.63
C CYS A 131 -7.71 -15.93 -8.83
N GLU A 132 -8.13 -16.49 -9.95
CA GLU A 132 -9.55 -16.70 -10.21
C GLU A 132 -10.08 -17.86 -9.37
N ASP A 133 -9.25 -18.88 -9.19
CA ASP A 133 -9.61 -20.03 -8.38
C ASP A 133 -9.70 -19.66 -6.91
N CYS A 134 -8.96 -18.63 -6.52
N CYS A 134 -8.96 -18.63 -6.52
CA CYS A 134 -8.95 -18.16 -5.14
CA CYS A 134 -8.96 -18.17 -5.13
C CYS A 134 -10.26 -17.47 -4.77
C CYS A 134 -10.27 -17.49 -4.76
N LEU A 135 -11.03 -17.06 -5.78
CA LEU A 135 -12.31 -16.41 -5.55
C LEU A 135 -13.38 -17.40 -5.12
N LYS A 136 -13.16 -18.68 -5.40
CA LYS A 136 -14.13 -19.72 -5.03
C LYS A 136 -13.71 -20.48 -3.77
N SER A 137 -12.64 -20.03 -3.13
CA SER A 137 -12.18 -20.67 -1.90
C SER A 137 -13.03 -20.22 -0.71
N SER A 138 -13.00 -21.00 0.36
CA SER A 138 -13.75 -20.66 1.56
C SER A 138 -12.87 -19.91 2.56
N ASP A 139 -11.56 -19.99 2.35
CA ASP A 139 -10.60 -19.29 3.19
C ASP A 139 -10.54 -17.81 2.81
N PRO A 140 -10.91 -16.94 3.76
CA PRO A 140 -10.94 -15.48 3.58
C PRO A 140 -9.64 -14.91 3.02
N LEU A 141 -8.52 -15.49 3.45
CA LEU A 141 -7.21 -15.07 2.96
C LEU A 141 -7.11 -15.27 1.45
N MET A 142 -7.49 -16.47 1.01
CA MET A 142 -7.45 -16.82 -0.40
C MET A 142 -8.37 -15.91 -1.22
N ILE A 143 -9.60 -15.71 -0.73
CA ILE A 143 -10.55 -14.83 -1.40
C ILE A 143 -9.98 -13.42 -1.51
N GLY A 144 -9.28 -12.99 -0.48
CA GLY A 144 -8.63 -11.69 -0.47
C GLY A 144 -7.55 -11.59 -1.54
N ILE A 145 -6.69 -12.59 -1.61
CA ILE A 145 -5.64 -12.64 -2.62
C ILE A 145 -6.23 -12.59 -4.03
N GLY A 146 -7.27 -13.40 -4.24
CA GLY A 146 -7.96 -13.44 -5.50
C GLY A 146 -8.60 -12.11 -5.85
N LEU A 147 -9.08 -11.39 -4.83
CA LEU A 147 -9.67 -10.08 -5.07
C LEU A 147 -8.60 -9.05 -5.42
N ILE A 148 -7.41 -9.21 -4.84
CA ILE A 148 -6.28 -8.38 -5.21
C ILE A 148 -5.96 -8.62 -6.67
N GLY A 149 -5.96 -9.89 -7.07
CA GLY A 149 -5.66 -10.27 -8.44
C GLY A 149 -6.67 -9.79 -9.47
N MET A 150 -7.96 -9.89 -9.14
CA MET A 150 -9.01 -9.54 -10.10
C MET A 150 -9.36 -8.05 -10.12
N THR A 151 -9.24 -7.38 -8.98
CA THR A 151 -9.63 -5.97 -8.89
C THR A 151 -8.45 -5.01 -8.86
N GLY A 152 -7.26 -5.53 -8.55
CA GLY A 152 -6.06 -4.72 -8.53
C GLY A 152 -6.02 -3.74 -7.37
N ARG A 153 -6.78 -4.03 -6.33
CA ARG A 153 -6.75 -3.21 -5.13
C ARG A 153 -5.64 -3.64 -4.19
N ALA A 154 -5.13 -2.71 -3.41
CA ALA A 154 -4.10 -3.00 -2.42
C ALA A 154 -4.65 -3.96 -1.36
N PRO A 155 -3.77 -4.80 -0.78
CA PRO A 155 -4.16 -5.73 0.29
C PRO A 155 -4.94 -5.03 1.40
N TYR A 156 -4.48 -3.85 1.80
CA TYR A 156 -5.16 -3.07 2.82
C TYR A 156 -6.56 -2.71 2.36
N GLU A 157 -6.67 -2.25 1.12
CA GLU A 157 -7.96 -1.91 0.55
C GLU A 157 -8.89 -3.12 0.52
N VAL A 158 -8.40 -4.22 -0.05
CA VAL A 158 -9.18 -5.44 -0.20
C VAL A 158 -9.69 -5.99 1.14
N PHE A 159 -8.76 -6.22 2.07
CA PHE A 159 -9.10 -6.85 3.33
C PHE A 159 -9.83 -5.93 4.31
N THR A 160 -9.50 -4.64 4.30
CA THR A 160 -9.99 -3.74 5.35
C THR A 160 -11.16 -2.84 4.97
N GLN A 161 -11.07 -2.13 3.85
CA GLN A 161 -12.00 -1.02 3.60
C GLN A 161 -12.56 -0.90 2.18
N ALA A 162 -12.48 -1.97 1.39
CA ALA A 162 -13.03 -1.94 0.04
C ALA A 162 -14.55 -1.89 0.06
N GLU A 163 -15.14 -1.22 -0.93
CA GLU A 163 -16.60 -1.19 -1.07
C GLU A 163 -16.99 -1.47 -2.51
N PHE A 164 -16.97 -2.75 -2.88
CA PHE A 164 -17.31 -3.16 -4.24
C PHE A 164 -18.82 -3.17 -4.47
N SER A 165 -19.25 -2.57 -5.57
CA SER A 165 -20.66 -2.51 -5.93
C SER A 165 -20.82 -2.60 -7.44
N PRO A 166 -21.96 -3.13 -7.91
CA PRO A 166 -22.22 -3.28 -9.35
C PRO A 166 -22.14 -1.96 -10.10
N ALA A 167 -21.58 -2.00 -11.31
CA ALA A 167 -21.50 -0.82 -12.16
C ALA A 167 -22.50 -0.91 -13.30
N PRO A 168 -23.36 0.12 -13.43
CA PRO A 168 -24.39 0.14 -14.47
C PRO A 168 -23.79 0.25 -15.87
N TYR A 169 -24.40 -0.42 -16.84
CA TYR A 169 -23.96 -0.38 -18.22
C TYR A 169 -25.15 -0.04 -19.10
N GLY A 170 -25.59 1.22 -19.03
CA GLY A 170 -26.81 1.63 -19.69
C GLY A 170 -27.99 1.43 -18.74
N LYS A 171 -28.77 0.39 -18.98
CA LYS A 171 -29.85 0.03 -18.08
C LYS A 171 -29.46 -1.17 -17.23
N GLY A 172 -28.68 -2.07 -17.81
CA GLY A 172 -28.26 -3.28 -17.13
C GLY A 172 -27.03 -3.10 -16.27
N VAL A 173 -26.33 -4.20 -16.02
CA VAL A 173 -25.13 -4.19 -15.19
C VAL A 173 -23.90 -4.61 -15.99
N SER A 174 -22.83 -3.82 -15.88
CA SER A 174 -21.58 -4.09 -16.59
C SER A 174 -20.98 -5.43 -16.17
N LYS A 175 -20.34 -6.10 -17.13
CA LYS A 175 -19.76 -7.41 -16.90
C LYS A 175 -18.29 -7.32 -16.48
N TRP A 176 -17.58 -6.37 -17.08
CA TRP A 176 -16.13 -6.27 -16.88
C TRP A 176 -15.72 -5.04 -16.07
N SER A 177 -16.63 -4.51 -15.27
CA SER A 177 -16.31 -3.37 -14.43
C SER A 177 -17.22 -3.27 -13.21
N ILE A 178 -16.64 -2.89 -12.07
CA ILE A 178 -17.40 -2.69 -10.84
C ILE A 178 -17.10 -1.31 -10.28
N LEU A 179 -17.79 -0.94 -9.22
CA LEU A 179 -17.53 0.33 -8.55
C LEU A 179 -16.70 0.10 -7.30
N PHE A 180 -15.75 1.00 -7.04
CA PHE A 180 -14.84 0.84 -5.90
C PHE A 180 -14.83 2.08 -5.01
N ASN A 181 -14.84 1.85 -3.70
CA ASN A 181 -14.72 2.92 -2.72
C ASN A 181 -13.90 2.49 -1.52
N GLY A 182 -12.93 3.30 -1.14
CA GLY A 182 -12.04 2.97 -0.05
C GLY A 182 -10.59 3.04 -0.47
N GLN A 183 -10.27 4.07 -1.27
CA GLN A 183 -8.91 4.29 -1.74
C GLN A 183 -7.99 4.63 -0.58
N ALA A 184 -6.81 4.02 -0.58
CA ALA A 184 -5.84 4.24 0.50
C ALA A 184 -4.73 5.17 0.09
N LYS A 185 -3.95 5.61 1.08
CA LYS A 185 -2.77 6.47 0.86
C LYS A 185 -3.11 7.82 0.23
N THR A 186 -4.38 8.21 0.28
CA THR A 186 -4.80 9.48 -0.29
C THR A 186 -4.35 10.66 0.57
N LYS A 187 -4.17 10.40 1.86
CA LYS A 187 -3.87 11.44 2.84
C LYS A 187 -4.93 12.55 2.81
N GLN A 188 -6.16 12.15 2.47
CA GLN A 188 -7.28 13.07 2.32
C GLN A 188 -6.94 14.24 1.40
N GLY A 189 -6.30 13.93 0.28
CA GLY A 189 -5.95 14.92 -0.71
C GLY A 189 -7.17 15.57 -1.32
N GLU A 190 -7.02 16.82 -1.74
CA GLU A 190 -8.11 17.61 -2.30
C GLU A 190 -8.58 17.06 -3.65
N GLY A 191 -7.64 16.58 -4.45
CA GLY A 191 -7.95 16.02 -5.75
C GLY A 191 -7.71 14.52 -5.82
N THR A 192 -7.90 13.85 -4.68
CA THR A 192 -7.72 12.41 -4.61
C THR A 192 -9.05 11.67 -4.57
N LYS A 193 -9.00 10.35 -4.55
CA LYS A 193 -10.19 9.53 -4.54
C LYS A 193 -10.61 9.16 -3.12
N PHE A 194 -10.36 10.08 -2.19
CA PHE A 194 -10.74 9.88 -0.79
C PHE A 194 -12.25 9.99 -0.63
N GLY A 195 -12.91 8.86 -0.40
CA GLY A 195 -14.35 8.82 -0.25
C GLY A 195 -15.06 8.94 -1.58
N ILE A 196 -14.33 8.69 -2.66
CA ILE A 196 -14.88 8.78 -4.00
C ILE A 196 -15.11 7.38 -4.59
N THR A 197 -16.34 7.14 -5.04
CA THR A 197 -16.68 5.88 -5.68
C THR A 197 -16.47 5.98 -7.19
N TYR A 198 -15.40 5.35 -7.69
CA TYR A 198 -15.09 5.38 -9.11
C TYR A 198 -15.08 3.98 -9.73
N GLU A 199 -15.29 3.93 -11.04
CA GLU A 199 -15.42 2.65 -11.74
C GLU A 199 -14.07 2.05 -12.10
N ILE A 200 -13.89 0.78 -11.78
CA ILE A 200 -12.66 0.05 -12.10
C ILE A 200 -12.96 -1.20 -12.91
N PRO A 201 -12.03 -1.58 -13.79
CA PRO A 201 -12.18 -2.81 -14.57
C PRO A 201 -11.80 -4.05 -13.77
N VAL A 202 -12.43 -5.17 -14.05
CA VAL A 202 -12.08 -6.44 -13.42
C VAL A 202 -11.65 -7.44 -14.47
N LEU A 203 -10.88 -8.45 -14.06
CA LEU A 203 -10.29 -9.39 -15.01
C LEU A 203 -11.12 -10.66 -15.15
N THR A 204 -12.23 -10.72 -14.43
CA THR A 204 -13.22 -11.78 -14.59
C THR A 204 -14.59 -11.13 -14.57
N ARG A 205 -15.64 -11.94 -14.72
CA ARG A 205 -17.00 -11.40 -14.70
C ARG A 205 -17.30 -10.77 -13.34
N SER A 206 -18.06 -9.68 -13.35
CA SER A 206 -18.32 -8.90 -12.14
C SER A 206 -19.04 -9.68 -11.05
N GLU A 207 -19.98 -10.52 -11.46
CA GLU A 207 -20.79 -11.30 -10.52
C GLU A 207 -19.93 -12.15 -9.58
N THR A 208 -18.89 -12.77 -10.15
CA THR A 208 -18.00 -13.61 -9.37
C THR A 208 -17.23 -12.81 -8.33
N VAL A 209 -16.71 -11.65 -8.74
CA VAL A 209 -15.98 -10.76 -7.85
C VAL A 209 -16.87 -10.28 -6.71
N LEU A 210 -18.05 -9.79 -7.05
CA LEU A 210 -19.00 -9.28 -6.05
C LEU A 210 -19.43 -10.37 -5.08
N ALA A 211 -19.68 -11.57 -5.61
CA ALA A 211 -20.06 -12.70 -4.77
C ALA A 211 -18.94 -13.08 -3.81
N ALA A 212 -17.73 -13.18 -4.34
CA ALA A 212 -16.56 -13.53 -3.54
C ALA A 212 -16.30 -12.51 -2.43
N TYR A 213 -16.47 -11.23 -2.77
CA TYR A 213 -16.29 -10.17 -1.78
C TYR A 213 -17.40 -10.20 -0.73
N LYS A 214 -18.60 -10.59 -1.16
CA LYS A 214 -19.72 -10.73 -0.24
C LYS A 214 -19.44 -11.88 0.73
N ARG A 215 -18.78 -12.92 0.24
CA ARG A 215 -18.38 -14.04 1.08
C ARG A 215 -17.17 -13.66 1.95
N LEU A 216 -16.46 -12.62 1.53
CA LEU A 216 -15.32 -12.12 2.29
C LEU A 216 -15.78 -11.31 3.50
N ARG A 217 -16.61 -10.30 3.26
CA ARG A 217 -17.06 -9.40 4.31
C ARG A 217 -17.94 -10.07 5.37
N GLU A 218 -18.74 -11.05 4.95
CA GLU A 218 -19.68 -11.70 5.85
C GLU A 218 -19.05 -12.87 6.63
N SER A 219 -17.75 -13.03 6.47
CA SER A 219 -17.02 -14.06 7.21
C SER A 219 -16.61 -13.52 8.57
N GLY A 220 -15.99 -14.37 9.38
CA GLY A 220 -15.53 -13.97 10.70
C GLY A 220 -14.26 -13.17 10.60
N GLN A 221 -13.28 -13.73 9.90
CA GLN A 221 -12.02 -13.05 9.65
C GLN A 221 -12.24 -11.79 8.82
N GLY A 222 -13.28 -11.81 8.00
CA GLY A 222 -13.63 -10.66 7.19
C GLY A 222 -14.13 -9.49 8.01
N LYS A 223 -14.88 -9.78 9.06
CA LYS A 223 -15.38 -8.73 9.94
C LYS A 223 -14.36 -8.41 11.03
N LEU A 224 -13.35 -9.27 11.17
CA LEU A 224 -12.22 -8.95 12.03
C LEU A 224 -11.33 -7.94 11.31
N TRP A 225 -11.14 -8.18 10.02
CA TRP A 225 -10.32 -7.32 9.16
C TRP A 225 -10.99 -5.98 8.90
N HIS A 226 -12.29 -6.00 8.69
CA HIS A 226 -13.05 -4.82 8.28
C HIS A 226 -12.99 -3.69 9.30
N GLY A 227 -12.40 -2.56 8.90
CA GLY A 227 -12.33 -1.39 9.74
C GLY A 227 -11.03 -1.30 10.53
N MET A 228 -10.11 -2.23 10.28
CA MET A 228 -8.82 -2.24 10.97
C MET A 228 -7.97 -1.03 10.63
N SER A 229 -6.96 -0.79 11.46
CA SER A 229 -5.95 0.20 11.17
C SER A 229 -4.85 -0.45 10.34
N ILE A 230 -3.88 0.32 9.90
CA ILE A 230 -2.78 -0.20 9.10
C ILE A 230 -1.91 -1.16 9.92
N ASP A 231 -1.60 -0.77 11.16
CA ASP A 231 -0.73 -1.57 12.02
C ASP A 231 -1.39 -2.88 12.46
N ASP A 232 -2.70 -2.83 12.73
CA ASP A 232 -3.44 -4.02 13.11
C ASP A 232 -3.34 -5.08 12.02
N PHE A 233 -3.63 -4.67 10.78
CA PHE A 233 -3.55 -5.57 9.64
C PHE A 233 -2.12 -6.05 9.39
N SER A 234 -1.17 -5.13 9.53
CA SER A 234 0.24 -5.45 9.31
C SER A 234 0.74 -6.48 10.31
N SER A 235 0.17 -6.46 11.51
CA SER A 235 0.58 -7.39 12.55
C SER A 235 -0.24 -8.67 12.51
N GLU A 236 -1.39 -8.61 11.84
CA GLU A 236 -2.30 -9.75 11.81
C GLU A 236 -2.12 -10.68 10.62
N THR A 237 -2.02 -10.10 9.42
CA THR A 237 -2.11 -10.89 8.20
C THR A 237 -0.84 -10.84 7.34
N ARG A 238 -0.05 -9.78 7.48
CA ARG A 238 1.05 -9.50 6.56
C ARG A 238 2.00 -10.65 6.26
N LEU A 239 2.56 -11.27 7.30
CA LEU A 239 3.51 -12.36 7.11
C LEU A 239 2.85 -13.63 6.58
N LEU A 240 1.65 -13.91 7.07
CA LEU A 240 0.88 -15.06 6.60
C LEU A 240 0.51 -14.89 5.14
N LEU A 241 0.09 -13.67 4.79
CA LEU A 241 -0.23 -13.33 3.41
C LEU A 241 1.02 -13.46 2.53
N ARG A 242 2.16 -13.07 3.09
CA ARG A 242 3.44 -13.14 2.40
C ARG A 242 3.81 -14.59 2.09
N ASP A 243 3.65 -15.46 3.07
CA ASP A 243 3.98 -16.87 2.91
C ASP A 243 3.02 -17.54 1.93
N THR A 244 1.73 -17.26 2.09
CA THR A 244 0.69 -17.82 1.24
C THR A 244 0.88 -17.41 -0.21
N VAL A 245 1.21 -16.15 -0.43
CA VAL A 245 1.47 -15.64 -1.77
C VAL A 245 2.75 -16.26 -2.34
N PHE A 246 3.76 -16.37 -1.48
CA PHE A 246 5.01 -17.06 -1.83
C PHE A 246 4.74 -18.46 -2.39
N ASN A 247 3.90 -19.21 -1.69
CA ASN A 247 3.61 -20.59 -2.07
C ASN A 247 2.68 -20.71 -3.28
N LEU A 248 1.71 -19.80 -3.36
CA LEU A 248 0.70 -19.85 -4.42
C LEU A 248 1.27 -19.64 -5.82
N PHE A 249 2.28 -18.78 -5.94
CA PHE A 249 2.87 -18.46 -7.23
C PHE A 249 4.38 -18.68 -7.21
N GLU A 250 4.79 -19.86 -6.78
CA GLU A 250 6.21 -20.15 -6.62
C GLU A 250 6.91 -20.46 -7.95
N ASP A 251 6.32 -21.33 -8.75
CA ASP A 251 6.97 -21.81 -9.97
C ASP A 251 6.37 -21.26 -11.25
N VAL A 252 5.47 -20.28 -11.14
CA VAL A 252 4.87 -19.65 -12.31
C VAL A 252 5.26 -18.19 -12.40
N TRP A 253 5.74 -17.64 -11.29
CA TRP A 253 6.18 -16.25 -11.25
C TRP A 253 7.54 -16.12 -11.93
N PRO A 254 7.77 -15.00 -12.65
CA PRO A 254 9.03 -14.66 -13.30
C PRO A 254 10.24 -15.01 -12.44
N LYS A 255 11.27 -15.58 -13.05
CA LYS A 255 12.44 -16.06 -12.33
C LYS A 255 13.24 -14.92 -11.68
N GLU A 256 13.10 -13.71 -12.22
CA GLU A 256 13.89 -12.57 -11.76
C GLU A 256 13.53 -12.12 -10.35
N GLU A 257 12.25 -12.20 -10.01
CA GLU A 257 11.78 -11.72 -8.72
C GLU A 257 10.92 -12.77 -8.01
N LEU A 258 10.83 -12.66 -6.69
CA LEU A 258 9.95 -13.52 -5.91
C LEU A 258 8.55 -12.92 -5.86
N PRO A 259 7.52 -13.78 -5.85
CA PRO A 259 6.13 -13.32 -5.88
C PRO A 259 5.71 -12.54 -4.63
N LYS A 260 5.54 -11.23 -4.80
CA LYS A 260 4.99 -10.39 -3.73
C LYS A 260 3.57 -9.99 -4.07
N PRO A 261 2.71 -9.84 -3.04
CA PRO A 261 1.30 -9.49 -3.19
C PRO A 261 1.05 -8.27 -4.06
N TYR A 262 1.76 -7.18 -3.79
CA TYR A 262 1.54 -5.93 -4.52
C TYR A 262 1.81 -6.06 -6.01
N GLY A 263 2.63 -7.05 -6.37
CA GLY A 263 2.88 -7.35 -7.77
C GLY A 263 1.58 -7.61 -8.50
N LEU A 264 0.67 -8.32 -7.84
CA LEU A 264 -0.65 -8.61 -8.39
C LEU A 264 -1.37 -7.35 -8.85
N ARG A 265 -1.08 -6.23 -8.19
CA ARG A 265 -1.62 -4.94 -8.60
C ARG A 265 -0.95 -4.53 -9.91
N HIS A 266 0.37 -4.45 -9.90
CA HIS A 266 1.15 -4.10 -11.09
C HIS A 266 0.64 -4.85 -12.31
N LEU A 267 0.87 -6.16 -12.31
CA LEU A 267 0.36 -7.07 -13.33
C LEU A 267 -1.06 -6.70 -13.76
N TYR A 268 -1.96 -6.53 -12.78
CA TYR A 268 -3.35 -6.19 -13.06
C TYR A 268 -3.42 -5.05 -14.06
N ALA A 269 -2.86 -3.90 -13.65
CA ALA A 269 -2.81 -2.71 -14.49
C ALA A 269 -2.40 -3.08 -15.91
N GLU A 270 -1.29 -3.80 -16.02
CA GLU A 270 -0.76 -4.20 -17.32
C GLU A 270 -1.85 -4.84 -18.16
N VAL A 271 -2.44 -5.93 -17.66
CA VAL A 271 -3.43 -6.63 -18.47
C VAL A 271 -4.69 -5.80 -18.58
N ALA A 272 -4.93 -4.95 -17.58
CA ALA A 272 -6.10 -4.08 -17.61
C ALA A 272 -5.93 -3.06 -18.72
N TYR A 273 -4.68 -2.79 -19.08
CA TYR A 273 -4.39 -1.88 -20.17
C TYR A 273 -4.41 -2.65 -21.49
N HIS A 274 -4.23 -3.96 -21.40
CA HIS A 274 -4.10 -4.79 -22.60
C HIS A 274 -5.45 -5.21 -23.17
N ASN A 275 -6.48 -5.18 -22.33
CA ASN A 275 -7.78 -5.71 -22.73
C ASN A 275 -8.95 -4.71 -22.65
N PHE A 276 -8.70 -3.53 -22.11
CA PHE A 276 -9.78 -2.59 -21.87
C PHE A 276 -9.51 -1.14 -22.28
N ALA A 277 -8.24 -0.81 -22.44
CA ALA A 277 -7.84 0.58 -22.69
C ALA A 277 -8.31 1.13 -24.03
N PRO A 278 -9.02 2.27 -24.00
CA PRO A 278 -9.44 2.99 -25.21
C PRO A 278 -8.25 3.60 -25.94
N PRO A 279 -8.39 3.88 -27.25
CA PRO A 279 -7.27 4.37 -28.06
C PRO A 279 -6.92 5.83 -27.83
N HIS A 280 -7.82 6.60 -27.20
CA HIS A 280 -7.61 8.03 -27.05
C HIS A 280 -6.96 8.40 -25.72
N VAL A 281 -6.42 7.41 -25.02
CA VAL A 281 -5.75 7.67 -23.75
C VAL A 281 -4.33 7.09 -23.73
N THR A 282 -3.51 7.62 -22.83
CA THR A 282 -2.14 7.15 -22.67
C THR A 282 -2.10 6.07 -21.59
N LYS A 283 -1.11 5.18 -21.68
CA LYS A 283 -0.93 4.12 -20.70
C LYS A 283 -0.76 4.69 -19.29
N ASN A 284 -0.05 5.80 -19.19
CA ASN A 284 0.12 6.51 -17.93
C ASN A 284 -1.23 7.01 -17.41
N SER A 285 -2.01 7.60 -18.31
CA SER A 285 -3.32 8.12 -17.96
C SER A 285 -4.27 7.02 -17.53
N TYR A 286 -4.22 5.89 -18.22
CA TYR A 286 -5.09 4.76 -17.90
C TYR A 286 -4.72 4.12 -16.57
N PHE A 287 -3.42 3.95 -16.36
CA PHE A 287 -2.92 3.45 -15.08
C PHE A 287 -3.38 4.36 -13.94
N ALA A 288 -3.16 5.67 -14.13
CA ALA A 288 -3.54 6.65 -13.12
C ALA A 288 -5.05 6.72 -12.93
N ALA A 289 -5.79 6.26 -13.93
CA ALA A 289 -7.25 6.26 -13.86
C ALA A 289 -7.79 5.07 -13.08
N ILE A 290 -7.31 3.88 -13.41
CA ILE A 290 -7.82 2.66 -12.80
C ILE A 290 -7.18 2.36 -11.45
N LEU A 291 -6.13 3.09 -11.10
CA LEU A 291 -5.47 2.90 -9.82
C LEU A 291 -5.95 3.90 -8.78
N GLY A 292 -6.64 4.94 -9.26
CA GLY A 292 -7.21 5.95 -8.38
C GLY A 292 -6.17 6.94 -7.87
N HIS A 293 -5.25 7.33 -8.75
CA HIS A 293 -4.19 8.26 -8.39
C HIS A 293 -4.69 9.69 -8.26
N ASN A 294 -3.81 10.56 -7.78
CA ASN A 294 -4.13 11.98 -7.60
C ASN A 294 -4.49 12.65 -8.93
N ASN A 295 -5.27 13.73 -8.84
CA ASN A 295 -5.65 14.50 -10.01
C ASN A 295 -4.43 15.06 -10.77
N ASN A 296 -4.48 14.93 -12.09
CA ASN A 296 -3.41 15.38 -13.00
C ASN A 296 -2.03 14.77 -12.73
N ASP A 297 -2.01 13.63 -12.04
CA ASP A 297 -0.76 12.95 -11.75
C ASP A 297 -0.51 11.78 -12.68
N LEU A 298 0.66 11.78 -13.33
CA LEU A 298 1.02 10.71 -14.25
C LEU A 298 2.36 10.10 -13.85
N GLU A 299 2.92 10.59 -12.75
CA GLU A 299 4.25 10.18 -12.32
C GLU A 299 4.23 8.94 -11.42
N THR A 300 3.12 8.75 -10.72
CA THR A 300 2.96 7.58 -9.85
C THR A 300 2.81 6.32 -10.68
N SER A 301 2.20 6.48 -11.86
CA SER A 301 1.97 5.36 -12.77
C SER A 301 3.28 4.76 -13.28
N LEU A 302 4.35 5.55 -13.20
CA LEU A 302 5.68 5.13 -13.64
C LEU A 302 6.20 3.98 -12.78
N SER A 303 5.71 3.88 -11.55
CA SER A 303 6.19 2.87 -10.60
C SER A 303 5.53 1.51 -10.82
N TYR A 304 4.46 1.48 -11.60
CA TYR A 304 3.70 0.25 -11.81
C TYR A 304 4.09 -0.48 -13.09
N MET A 305 4.83 0.21 -13.96
CA MET A 305 5.28 -0.39 -15.20
C MET A 305 6.55 -1.20 -14.98
N THR A 306 6.37 -2.42 -14.47
CA THR A 306 7.50 -3.30 -14.16
C THR A 306 7.51 -4.54 -15.04
N TYR A 307 6.33 -4.93 -15.53
CA TYR A 307 6.22 -6.13 -16.36
C TYR A 307 5.92 -5.83 -17.81
N THR A 308 5.99 -6.87 -18.64
CA THR A 308 5.53 -6.80 -20.03
C THR A 308 4.94 -8.15 -20.42
N LEU A 309 3.78 -8.10 -21.09
CA LEU A 309 3.09 -9.32 -21.47
C LEU A 309 3.82 -10.04 -22.60
N PRO A 310 3.84 -11.38 -22.55
CA PRO A 310 4.56 -12.20 -23.54
C PRO A 310 4.04 -11.99 -24.96
N GLU A 311 2.75 -11.68 -25.10
CA GLU A 311 2.19 -11.42 -26.42
C GLU A 311 2.76 -10.14 -27.03
N ASP A 312 2.84 -9.08 -26.23
CA ASP A 312 3.44 -7.83 -26.67
C ASP A 312 4.91 -8.05 -27.00
N ARG A 313 5.56 -8.87 -26.19
CA ARG A 313 6.97 -9.22 -26.39
C ARG A 313 7.16 -9.91 -27.73
N ASP A 314 6.21 -10.77 -28.08
CA ASP A 314 6.25 -11.48 -29.36
C ASP A 314 5.99 -10.54 -30.52
N ASN A 315 5.03 -9.63 -30.33
CA ASN A 315 4.67 -8.66 -31.37
C ASN A 315 5.74 -7.58 -31.55
N ALA A 316 6.66 -7.52 -30.59
CA ALA A 316 7.79 -6.59 -30.69
C ALA A 316 9.02 -7.31 -31.21
N LEU A 317 9.11 -8.61 -30.96
CA LEU A 317 10.18 -9.43 -31.49
C LEU A 317 10.01 -9.65 -32.99
N ALA A 318 8.77 -9.54 -33.46
CA ALA A 318 8.45 -9.82 -34.86
C ALA A 318 8.94 -8.73 -35.80
N ARG A 319 9.60 -7.71 -35.25
CA ARG A 319 10.13 -6.61 -36.05
C ARG A 319 11.39 -7.02 -36.80
N LEU A 320 11.21 -7.56 -38.00
CA LEU A 320 12.32 -7.94 -38.86
C LEU A 320 12.04 -7.59 -40.32
#